data_5VRG
#
_entry.id   5VRG
#
_cell.length_a   87.764
_cell.length_b   158.026
_cell.length_c   44.763
_cell.angle_alpha   90.000
_cell.angle_beta   90.000
_cell.angle_gamma   90.000
#
_symmetry.space_group_name_H-M   'P 21 21 21'
#
loop_
_entity.id
_entity.type
_entity.pdbx_description
1 polymer 'Apolipoprotein N-acyltransferase'
2 non-polymer '(2R)-2,3-dihydroxypropyl (9Z)-octadec-9-enoate'
3 non-polymer PENTANE
4 non-polymer 'PALMITIC ACID'
5 non-polymer 'CHLORIDE ION'
6 water water
#
_entity_poly.entity_id   1
_entity_poly.type   'polypeptide(L)'
_entity_poly.pdbx_seq_one_letter_code
;MGSAFASLIERQRIRLLLALLFGACGTLAFSPYDVWPAAIISLMGLQALTFNRRPLQSAAIGFCWGFGLFGSGINWVYVS
IATFGGMPGPVNIFLVVLLAAYLSLYTGLFAGVLSRLWPKTTWLRVAIAAPALWQVTEFLRGWVLTGFPWLQFGYSQIDG
PLKGLAPIMGVEAINFLLMMVSGLLALALVKRNWRPLVVAVVLFALPFPLRYIQWFTPQPEKTIQVSMVQGDIPQSLKWD
EGQLLNTLKIYYNATAPLMGKSSLIIWPESAITDLEINQQPFLKALDGELRDKGSSLVTGIVDARLNKQNRYDTYNTIIT
LGKGAPYSYESADRYNKNHLVPFGEFVPLESILRPLAPFFDLPMSSFSRGPYIQPPLSANGIELTAAICYEIILGEQVRD
NFRPDTDYLLTISNDAWFGKSIGPWQHFQMARMRALELARPLLRSTNNGITAVIGPQGEIQAMIPQFTREVLTTNVTPTT
GLTPYARTGNWPLWVLTALFGFAAVLMSLRQRRKGNSHHHHH
;
_entity_poly.pdbx_strand_id   A
#
loop_
_chem_comp.id
_chem_comp.type
_chem_comp.name
_chem_comp.formula
CL non-polymer 'CHLORIDE ION' 'Cl -1'
LNK non-polymer PENTANE 'C5 H12'
OLC non-polymer '(2R)-2,3-dihydroxypropyl (9Z)-octadec-9-enoate' 'C21 H40 O4'
PLM non-polymer 'PALMITIC ACID' 'C16 H32 O2'
#
# COMPACT_ATOMS: atom_id res chain seq x y z
N ALA A 6 -29.39 -25.18 -12.06
CA ALA A 6 -30.05 -25.40 -13.35
C ALA A 6 -29.95 -24.13 -14.21
N SER A 7 -31.09 -23.70 -14.76
CA SER A 7 -31.22 -22.39 -15.38
C SER A 7 -31.45 -21.30 -14.36
N LEU A 8 -31.27 -21.61 -13.08
CA LEU A 8 -31.31 -20.58 -12.05
C LEU A 8 -30.20 -19.58 -12.24
N ILE A 9 -29.02 -20.07 -12.64
CA ILE A 9 -27.87 -19.21 -12.83
C ILE A 9 -28.06 -18.27 -14.01
N GLU A 10 -29.02 -18.54 -14.89
CA GLU A 10 -29.29 -17.62 -15.99
C GLU A 10 -30.01 -16.36 -15.54
N ARG A 11 -30.59 -16.33 -14.34
CA ARG A 11 -31.32 -15.16 -13.85
C ARG A 11 -30.34 -14.07 -13.43
N GLN A 12 -30.55 -12.86 -13.96
CA GLN A 12 -29.63 -11.76 -13.68
C GLN A 12 -29.51 -11.49 -12.18
N ARG A 13 -30.64 -11.47 -11.48
CA ARG A 13 -30.59 -11.23 -10.04
C ARG A 13 -29.80 -12.31 -9.34
N ILE A 14 -29.88 -13.55 -9.83
CA ILE A 14 -29.09 -14.63 -9.25
C ILE A 14 -27.62 -14.37 -9.49
N ARG A 15 -27.25 -13.95 -10.69
CA ARG A 15 -25.85 -13.70 -10.97
C ARG A 15 -25.33 -12.56 -10.10
N LEU A 16 -26.23 -11.64 -9.72
CA LEU A 16 -25.84 -10.52 -8.88
C LEU A 16 -25.58 -10.98 -7.46
N LEU A 17 -26.42 -11.86 -6.93
CA LEU A 17 -26.17 -12.41 -5.61
C LEU A 17 -24.88 -13.21 -5.58
N LEU A 18 -24.69 -14.03 -6.61
CA LEU A 18 -23.44 -14.79 -6.74
C LEU A 18 -22.27 -13.86 -6.87
N ALA A 19 -22.47 -12.71 -7.54
CA ALA A 19 -21.40 -11.74 -7.68
C ALA A 19 -20.91 -11.23 -6.33
N LEU A 20 -21.83 -11.01 -5.37
CA LEU A 20 -21.45 -10.61 -4.02
C LEU A 20 -20.55 -11.65 -3.35
N LEU A 21 -20.88 -12.94 -3.52
CA LEU A 21 -20.16 -13.98 -2.80
C LEU A 21 -18.76 -14.17 -3.38
N PHE A 22 -18.63 -14.31 -4.71
CA PHE A 22 -17.30 -14.41 -5.31
C PHE A 22 -16.46 -13.17 -5.02
N GLY A 23 -17.08 -11.98 -5.09
CA GLY A 23 -16.39 -10.75 -4.72
C GLY A 23 -15.85 -10.78 -3.30
N ALA A 24 -16.76 -10.97 -2.34
CA ALA A 24 -16.36 -11.01 -0.93
C ALA A 24 -15.35 -12.12 -0.67
N CYS A 25 -15.38 -13.19 -1.49
CA CYS A 25 -14.39 -14.25 -1.40
C CYS A 25 -12.96 -13.72 -1.59
N GLY A 26 -12.78 -12.69 -2.42
CA GLY A 26 -11.46 -12.15 -2.67
C GLY A 26 -10.82 -11.57 -1.42
N THR A 27 -11.62 -11.02 -0.51
CA THR A 27 -11.08 -10.48 0.72
C THR A 27 -10.25 -11.53 1.44
N LEU A 28 -10.57 -12.81 1.27
CA LEU A 28 -9.82 -13.89 1.91
C LEU A 28 -8.41 -14.03 1.34
N ALA A 29 -8.18 -13.54 0.12
CA ALA A 29 -6.84 -13.61 -0.48
C ALA A 29 -5.84 -12.79 0.31
N PHE A 30 -6.27 -11.67 0.90
CA PHE A 30 -5.38 -10.72 1.54
C PHE A 30 -5.16 -11.09 3.00
N SER A 31 -4.32 -10.29 3.67
CA SER A 31 -4.08 -10.46 5.11
C SER A 31 -5.29 -10.05 5.92
N PRO A 32 -5.51 -10.68 7.08
CA PRO A 32 -4.68 -11.72 7.70
C PRO A 32 -4.98 -13.11 7.17
N TYR A 33 -6.05 -13.21 6.38
CA TYR A 33 -6.53 -14.52 5.92
C TYR A 33 -5.47 -15.24 5.12
N ASP A 34 -4.92 -14.57 4.10
CA ASP A 34 -3.79 -15.04 3.31
C ASP A 34 -4.03 -16.40 2.64
N VAL A 35 -5.26 -16.69 2.22
CA VAL A 35 -5.51 -17.85 1.38
C VAL A 35 -5.44 -17.34 -0.07
N TRP A 36 -4.22 -17.39 -0.65
CA TRP A 36 -4.05 -16.76 -1.95
C TRP A 36 -4.84 -17.45 -3.07
N PRO A 37 -5.22 -18.74 -2.97
CA PRO A 37 -6.13 -19.31 -3.98
C PRO A 37 -7.50 -18.65 -4.01
N ALA A 38 -7.86 -17.89 -2.98
CA ALA A 38 -9.18 -17.25 -3.00
C ALA A 38 -9.23 -16.17 -4.06
N ALA A 39 -8.08 -15.56 -4.40
CA ALA A 39 -8.07 -14.52 -5.42
C ALA A 39 -8.47 -15.10 -6.78
N ILE A 40 -7.94 -16.28 -7.11
CA ILE A 40 -8.29 -16.92 -8.37
C ILE A 40 -9.75 -17.36 -8.36
N ILE A 41 -10.24 -17.85 -7.21
CA ILE A 41 -11.66 -18.15 -7.10
C ILE A 41 -12.50 -16.92 -7.45
N SER A 42 -12.15 -15.80 -6.83
CA SER A 42 -12.96 -14.59 -6.91
C SER A 42 -12.93 -14.00 -8.30
N LEU A 43 -11.76 -14.04 -8.94
CA LEU A 43 -11.61 -13.53 -10.30
C LEU A 43 -12.26 -14.44 -11.33
N MET A 44 -12.29 -15.75 -11.06
CA MET A 44 -13.01 -16.64 -11.96
C MET A 44 -14.50 -16.35 -11.92
N GLY A 45 -15.03 -16.03 -10.73
CA GLY A 45 -16.43 -15.68 -10.64
C GLY A 45 -16.76 -14.44 -11.44
N LEU A 46 -15.89 -13.44 -11.35
CA LEU A 46 -16.12 -12.20 -12.09
C LEU A 46 -16.04 -12.46 -13.59
N GLN A 47 -15.15 -13.36 -13.99
CA GLN A 47 -14.97 -13.61 -15.41
C GLN A 47 -16.11 -14.44 -15.98
N ALA A 48 -16.58 -15.45 -15.22
CA ALA A 48 -17.64 -16.33 -15.69
C ALA A 48 -19.01 -15.70 -15.53
N LEU A 49 -19.30 -15.08 -14.37
CA LEU A 49 -20.64 -14.54 -14.15
C LEU A 49 -20.98 -13.43 -15.14
N THR A 50 -19.99 -12.80 -15.77
CA THR A 50 -20.26 -11.80 -16.80
C THR A 50 -20.44 -12.40 -18.18
N PHE A 51 -20.16 -13.69 -18.39
CA PHE A 51 -20.33 -14.29 -19.71
C PHE A 51 -21.78 -14.16 -20.19
N ASN A 52 -21.95 -14.02 -21.49
CA ASN A 52 -23.25 -14.10 -22.16
C ASN A 52 -24.31 -13.24 -21.47
N ARG A 53 -23.97 -11.96 -21.35
CA ARG A 53 -24.84 -10.97 -20.75
C ARG A 53 -24.87 -9.74 -21.67
N ARG A 54 -26.00 -9.03 -21.66
CA ARG A 54 -26.00 -7.72 -22.26
C ARG A 54 -25.01 -6.82 -21.51
N PRO A 55 -24.39 -5.85 -22.20
CA PRO A 55 -23.31 -5.08 -21.55
C PRO A 55 -23.73 -4.38 -20.26
N LEU A 56 -24.98 -3.90 -20.16
CA LEU A 56 -25.40 -3.24 -18.94
C LEU A 56 -25.67 -4.23 -17.81
N GLN A 57 -26.08 -5.46 -18.13
CA GLN A 57 -26.22 -6.47 -17.09
C GLN A 57 -24.87 -6.85 -16.54
N SER A 58 -23.90 -7.04 -17.43
CA SER A 58 -22.54 -7.36 -17.03
C SER A 58 -21.96 -6.26 -16.14
N ALA A 59 -22.19 -4.99 -16.50
CA ALA A 59 -21.70 -3.90 -15.66
C ALA A 59 -22.32 -3.95 -14.27
N ALA A 60 -23.57 -4.38 -14.17
CA ALA A 60 -24.17 -4.53 -12.85
C ALA A 60 -23.50 -5.66 -12.08
N ILE A 61 -23.26 -6.78 -12.76
CA ILE A 61 -22.58 -7.92 -12.12
C ILE A 61 -21.19 -7.52 -11.65
N GLY A 62 -20.44 -6.84 -12.53
CA GLY A 62 -19.15 -6.30 -12.12
C GLY A 62 -19.25 -5.33 -10.97
N PHE A 63 -20.32 -4.51 -10.96
CA PHE A 63 -20.53 -3.63 -9.82
C PHE A 63 -20.78 -4.44 -8.56
N CYS A 64 -21.67 -5.44 -8.63
CA CYS A 64 -22.01 -6.20 -7.45
C CYS A 64 -20.84 -7.06 -6.98
N TRP A 65 -19.99 -7.51 -7.90
CA TRP A 65 -18.78 -8.22 -7.49
C TRP A 65 -17.87 -7.32 -6.64
N GLY A 66 -17.63 -6.09 -7.10
CA GLY A 66 -16.80 -5.18 -6.33
C GLY A 66 -17.45 -4.76 -5.03
N PHE A 67 -18.79 -4.68 -5.00
CA PHE A 67 -19.45 -4.39 -3.73
C PHE A 67 -19.24 -5.51 -2.71
N GLY A 68 -19.03 -6.74 -3.17
CA GLY A 68 -18.65 -7.80 -2.23
C GLY A 68 -17.22 -7.65 -1.74
N LEU A 69 -16.28 -7.36 -2.64
CA LEU A 69 -14.88 -7.08 -2.30
C LEU A 69 -14.78 -5.93 -1.30
N PHE A 70 -15.06 -4.73 -1.80
CA PHE A 70 -14.87 -3.52 -1.00
C PHE A 70 -15.80 -3.49 0.19
N GLY A 71 -16.99 -4.05 0.05
CA GLY A 71 -17.91 -4.12 1.17
C GLY A 71 -17.40 -5.01 2.29
N SER A 72 -16.75 -6.13 1.92
CA SER A 72 -16.18 -7.01 2.94
C SER A 72 -14.75 -6.64 3.30
N GLY A 73 -14.04 -5.97 2.40
CA GLY A 73 -12.61 -5.79 2.51
C GLY A 73 -12.13 -4.48 3.08
N ILE A 74 -12.83 -3.37 2.81
CA ILE A 74 -12.45 -2.08 3.36
C ILE A 74 -13.50 -1.51 4.30
N ASN A 75 -14.44 -2.34 4.77
CA ASN A 75 -15.40 -1.80 5.73
C ASN A 75 -14.74 -1.39 7.04
N TRP A 76 -13.46 -1.72 7.24
CA TRP A 76 -12.74 -1.22 8.41
C TRP A 76 -12.62 0.30 8.42
N VAL A 77 -12.72 0.97 7.27
CA VAL A 77 -12.69 2.44 7.28
C VAL A 77 -13.78 2.99 8.18
N TYR A 78 -14.78 2.18 8.51
CA TYR A 78 -15.79 2.58 9.50
C TYR A 78 -15.15 3.16 10.75
N VAL A 79 -14.10 2.49 11.27
CA VAL A 79 -13.50 2.90 12.55
C VAL A 79 -12.92 4.30 12.45
N SER A 80 -12.11 4.54 11.43
CA SER A 80 -11.57 5.85 11.11
C SER A 80 -12.71 6.86 11.08
N ILE A 81 -13.64 6.65 10.14
CA ILE A 81 -14.80 7.54 9.95
C ILE A 81 -15.51 7.76 11.28
N ALA A 82 -16.02 6.69 11.91
CA ALA A 82 -16.87 6.78 13.09
C ALA A 82 -16.17 7.35 14.31
N THR A 83 -14.87 7.61 14.21
CA THR A 83 -14.08 8.22 15.27
C THR A 83 -13.50 9.58 14.88
N PHE A 84 -13.00 9.70 13.64
CA PHE A 84 -12.43 10.98 13.20
C PHE A 84 -13.51 12.05 13.10
N GLY A 85 -14.63 11.74 12.44
CA GLY A 85 -15.56 12.77 12.01
C GLY A 85 -16.82 12.92 12.83
N GLY A 86 -17.03 12.01 13.79
CA GLY A 86 -18.08 12.15 14.79
C GLY A 86 -19.48 12.44 14.28
N MET A 87 -20.08 11.42 13.68
CA MET A 87 -21.44 11.41 13.20
C MET A 87 -22.10 10.21 13.86
N PRO A 88 -23.41 10.12 13.74
CA PRO A 88 -24.27 9.17 14.44
C PRO A 88 -24.01 7.65 14.43
N GLY A 89 -23.38 7.02 13.47
CA GLY A 89 -23.20 5.59 13.65
C GLY A 89 -23.90 4.85 12.55
N PRO A 90 -25.21 5.08 12.39
CA PRO A 90 -25.98 4.58 11.25
C PRO A 90 -25.44 5.32 10.02
N VAL A 91 -25.16 6.62 10.19
CA VAL A 91 -24.56 7.47 9.20
C VAL A 91 -23.14 7.07 8.82
N ASN A 92 -22.28 6.69 9.77
CA ASN A 92 -20.95 6.19 9.41
C ASN A 92 -21.01 4.86 8.69
N ILE A 93 -22.01 4.02 8.99
CA ILE A 93 -22.29 2.82 8.19
C ILE A 93 -22.63 3.20 6.74
N PHE A 94 -23.47 4.22 6.56
CA PHE A 94 -23.86 4.56 5.21
C PHE A 94 -22.68 5.11 4.43
N LEU A 95 -21.76 5.79 5.10
CA LEU A 95 -20.58 6.32 4.41
C LEU A 95 -19.68 5.18 3.94
N VAL A 96 -19.57 4.13 4.75
CA VAL A 96 -18.78 2.97 4.34
C VAL A 96 -19.44 2.30 3.15
N VAL A 97 -20.77 2.26 3.11
CA VAL A 97 -21.45 1.68 1.96
C VAL A 97 -21.15 2.49 0.72
N LEU A 98 -21.22 3.81 0.85
CA LEU A 98 -21.10 4.68 -0.31
C LEU A 98 -19.68 4.69 -0.85
N LEU A 99 -18.69 4.59 0.04
CA LEU A 99 -17.33 4.35 -0.42
C LEU A 99 -17.19 2.98 -1.10
N ALA A 100 -17.74 1.93 -0.50
CA ALA A 100 -17.75 0.64 -1.19
C ALA A 100 -18.54 0.71 -2.50
N ALA A 101 -19.58 1.54 -2.56
CA ALA A 101 -20.30 1.71 -3.82
C ALA A 101 -19.44 2.45 -4.84
N TYR A 102 -18.77 3.52 -4.40
CA TYR A 102 -17.97 4.31 -5.33
C TYR A 102 -16.86 3.48 -5.97
N LEU A 103 -16.17 2.64 -5.18
CA LEU A 103 -15.08 1.86 -5.75
C LEU A 103 -15.63 0.82 -6.72
N SER A 104 -16.79 0.27 -6.42
CA SER A 104 -17.38 -0.74 -7.30
C SER A 104 -17.76 -0.19 -8.66
N LEU A 105 -17.72 1.14 -8.86
CA LEU A 105 -18.02 1.71 -10.17
C LEU A 105 -16.94 1.33 -11.19
N TYR A 106 -15.68 1.31 -10.76
CA TYR A 106 -14.61 0.90 -11.65
C TYR A 106 -14.71 -0.57 -12.00
N THR A 107 -15.14 -1.40 -11.04
CA THR A 107 -15.26 -2.81 -11.36
C THR A 107 -16.52 -3.07 -12.18
N GLY A 108 -17.52 -2.17 -12.11
CA GLY A 108 -18.65 -2.21 -13.02
C GLY A 108 -18.30 -1.65 -14.38
N LEU A 109 -17.45 -0.60 -14.40
CA LEU A 109 -16.92 -0.09 -15.67
C LEU A 109 -16.19 -1.19 -16.42
N PHE A 110 -15.36 -1.96 -15.71
CA PHE A 110 -14.59 -3.01 -16.36
C PHE A 110 -15.50 -4.05 -17.00
N ALA A 111 -16.49 -4.52 -16.26
CA ALA A 111 -17.37 -5.57 -16.77
C ALA A 111 -18.18 -5.08 -17.95
N GLY A 112 -18.67 -3.84 -17.88
CA GLY A 112 -19.51 -3.32 -18.95
C GLY A 112 -18.76 -3.16 -20.25
N VAL A 113 -17.56 -2.55 -20.20
CA VAL A 113 -16.81 -2.29 -21.43
C VAL A 113 -16.37 -3.59 -22.07
N LEU A 114 -15.99 -4.57 -21.23
CA LEU A 114 -15.53 -5.86 -21.75
C LEU A 114 -16.68 -6.67 -22.34
N SER A 115 -17.88 -6.56 -21.76
CA SER A 115 -19.07 -7.15 -22.36
C SER A 115 -19.43 -6.43 -23.65
N ARG A 116 -19.32 -5.10 -23.66
CA ARG A 116 -19.68 -4.33 -24.85
C ARG A 116 -18.73 -4.61 -26.01
N LEU A 117 -17.42 -4.62 -25.75
CA LEU A 117 -16.46 -4.78 -26.84
C LEU A 117 -16.19 -6.23 -27.20
N TRP A 118 -16.33 -7.15 -26.26
CA TRP A 118 -16.00 -8.56 -26.49
C TRP A 118 -17.14 -9.41 -25.93
N PRO A 119 -18.26 -9.48 -26.65
CA PRO A 119 -19.42 -10.19 -26.11
C PRO A 119 -19.26 -11.71 -26.07
N LYS A 120 -18.48 -12.32 -26.96
CA LYS A 120 -18.39 -13.78 -27.04
C LYS A 120 -17.52 -14.36 -25.93
N THR A 121 -17.89 -15.56 -25.48
CA THR A 121 -17.12 -16.29 -24.47
C THR A 121 -15.88 -16.89 -25.14
N THR A 122 -14.81 -16.10 -25.19
CA THR A 122 -13.62 -16.38 -25.97
C THR A 122 -12.39 -16.20 -25.11
N TRP A 123 -11.30 -16.82 -25.53
CA TRP A 123 -10.04 -16.54 -24.86
C TRP A 123 -9.54 -15.14 -25.22
N LEU A 124 -9.89 -14.62 -26.40
CA LEU A 124 -9.56 -13.24 -26.72
C LEU A 124 -10.11 -12.29 -25.65
N ARG A 125 -11.41 -12.39 -25.35
CA ARG A 125 -12.01 -11.54 -24.32
C ARG A 125 -11.37 -11.81 -22.96
N VAL A 126 -11.07 -13.07 -22.68
CA VAL A 126 -10.82 -13.52 -21.32
C VAL A 126 -9.33 -13.46 -20.96
N ALA A 127 -8.42 -13.62 -21.93
CA ALA A 127 -7.00 -13.61 -21.65
C ALA A 127 -6.26 -12.42 -22.25
N ILE A 128 -6.85 -11.71 -23.20
CA ILE A 128 -6.21 -10.60 -23.88
C ILE A 128 -6.89 -9.29 -23.53
N ALA A 129 -8.17 -9.14 -23.87
CA ALA A 129 -8.89 -7.92 -23.54
C ALA A 129 -9.00 -7.71 -22.02
N ALA A 130 -9.47 -8.73 -21.29
CA ALA A 130 -9.76 -8.64 -19.86
C ALA A 130 -8.61 -8.06 -19.03
N PRO A 131 -7.40 -8.62 -19.05
CA PRO A 131 -6.33 -8.03 -18.24
C PRO A 131 -5.89 -6.63 -18.71
N ALA A 132 -5.92 -6.34 -20.01
CA ALA A 132 -5.55 -5.00 -20.43
C ALA A 132 -6.57 -3.97 -19.93
N LEU A 133 -7.85 -4.33 -20.02
CA LEU A 133 -8.91 -3.45 -19.50
C LEU A 133 -8.85 -3.36 -17.98
N TRP A 134 -8.57 -4.49 -17.30
CA TRP A 134 -8.36 -4.47 -15.86
C TRP A 134 -7.17 -3.59 -15.48
N GLN A 135 -6.12 -3.58 -16.30
CA GLN A 135 -4.99 -2.69 -16.03
C GLN A 135 -5.46 -1.24 -16.03
N VAL A 136 -6.33 -0.88 -16.98
CA VAL A 136 -6.78 0.50 -17.12
C VAL A 136 -7.77 0.87 -16.03
N THR A 137 -8.74 -0.01 -15.73
CA THR A 137 -9.79 0.35 -14.77
C THR A 137 -9.23 0.44 -13.35
N GLU A 138 -8.40 -0.52 -12.96
CA GLU A 138 -7.69 -0.41 -11.68
C GLU A 138 -6.76 0.80 -11.67
N PHE A 139 -6.22 1.18 -12.82
CA PHE A 139 -5.46 2.42 -12.86
C PHE A 139 -6.35 3.60 -12.49
N LEU A 140 -7.54 3.70 -13.09
CA LEU A 140 -8.43 4.81 -12.78
C LEU A 140 -8.90 4.76 -11.34
N ARG A 141 -9.20 3.56 -10.83
CA ARG A 141 -9.59 3.43 -9.43
C ARG A 141 -8.51 3.97 -8.48
N GLY A 142 -7.28 3.96 -8.93
CA GLY A 142 -6.17 4.44 -8.14
C GLY A 142 -5.60 5.81 -8.42
N TRP A 143 -6.27 6.57 -9.26
CA TRP A 143 -5.86 7.88 -9.66
C TRP A 143 -6.94 8.95 -9.54
N VAL A 144 -8.15 8.61 -9.92
CA VAL A 144 -9.27 9.54 -9.88
C VAL A 144 -9.52 9.94 -8.46
N LEU A 145 -9.58 11.24 -8.23
CA LEU A 145 -9.83 11.87 -6.94
C LEU A 145 -8.82 11.50 -5.91
N THR A 146 -7.59 11.32 -6.36
CA THR A 146 -6.34 10.95 -5.66
C THR A 146 -6.28 9.46 -5.32
N GLY A 147 -7.24 8.73 -5.82
CA GLY A 147 -7.30 7.31 -5.90
C GLY A 147 -7.31 6.54 -4.62
N PHE A 148 -7.63 5.29 -4.80
CA PHE A 148 -7.64 4.36 -3.68
C PHE A 148 -7.38 2.95 -4.21
N PRO A 149 -6.15 2.61 -4.52
CA PRO A 149 -5.83 1.28 -5.05
C PRO A 149 -5.63 0.23 -3.95
N TRP A 150 -6.57 0.17 -3.01
CA TRP A 150 -6.60 -0.88 -2.00
C TRP A 150 -7.18 -2.16 -2.56
N LEU A 151 -6.71 -3.30 -2.03
CA LEU A 151 -7.15 -4.62 -2.43
C LEU A 151 -6.90 -4.85 -3.93
N GLN A 152 -5.63 -5.08 -4.24
CA GLN A 152 -5.19 -5.49 -5.57
C GLN A 152 -4.54 -6.86 -5.44
N PHE A 153 -5.01 -7.81 -6.25
CA PHE A 153 -4.79 -9.21 -5.92
C PHE A 153 -3.32 -9.60 -5.98
N GLY A 154 -2.50 -8.85 -6.73
CA GLY A 154 -1.09 -9.13 -6.76
C GLY A 154 -0.46 -9.18 -5.39
N TYR A 155 -0.96 -8.35 -4.46
CA TYR A 155 -0.37 -8.29 -3.12
C TYR A 155 -0.55 -9.61 -2.35
N SER A 156 -1.63 -10.35 -2.65
CA SER A 156 -1.82 -11.65 -2.00
C SER A 156 -0.83 -12.69 -2.48
N GLN A 157 0.03 -12.36 -3.43
CA GLN A 157 1.07 -13.29 -3.86
C GLN A 157 2.41 -13.04 -3.18
N ILE A 158 2.51 -12.04 -2.30
CA ILE A 158 3.76 -11.72 -1.59
C ILE A 158 4.40 -12.99 -1.02
N ASP A 159 3.60 -14.00 -0.68
CA ASP A 159 4.09 -15.30 -0.25
C ASP A 159 3.71 -16.43 -1.20
N GLY A 160 3.38 -16.12 -2.45
CA GLY A 160 2.88 -17.11 -3.37
C GLY A 160 3.77 -17.38 -4.55
N PRO A 161 3.35 -18.32 -5.40
CA PRO A 161 4.21 -18.79 -6.50
C PRO A 161 4.55 -17.73 -7.53
N LEU A 162 3.76 -16.67 -7.62
CA LEU A 162 3.99 -15.61 -8.60
C LEU A 162 4.94 -14.52 -8.07
N LYS A 163 5.45 -14.71 -6.86
CA LYS A 163 6.27 -13.71 -6.15
C LYS A 163 7.33 -13.08 -7.05
N GLY A 164 8.09 -13.92 -7.74
CA GLY A 164 9.24 -13.50 -8.53
C GLY A 164 8.93 -12.63 -9.74
N LEU A 165 7.65 -12.32 -9.99
CA LEU A 165 7.30 -11.37 -11.04
C LEU A 165 7.50 -9.91 -10.60
N ALA A 166 7.36 -9.63 -9.30
CA ALA A 166 7.33 -8.26 -8.81
C ALA A 166 8.65 -7.52 -9.03
N PRO A 167 9.81 -8.11 -8.73
CA PRO A 167 11.06 -7.40 -9.07
C PRO A 167 11.23 -7.19 -10.56
N ILE A 168 10.50 -7.92 -11.41
CA ILE A 168 10.65 -7.75 -12.85
C ILE A 168 9.76 -6.62 -13.34
N MET A 169 8.47 -6.69 -13.02
CA MET A 169 7.47 -5.84 -13.62
C MET A 169 6.49 -5.25 -12.60
N GLY A 170 6.75 -5.41 -11.31
CA GLY A 170 5.91 -4.79 -10.32
C GLY A 170 4.64 -5.58 -10.03
N VAL A 171 4.02 -5.24 -8.91
CA VAL A 171 2.85 -5.95 -8.41
C VAL A 171 1.70 -5.93 -9.41
N GLU A 172 1.63 -4.89 -10.26
CA GLU A 172 0.54 -4.81 -11.22
C GLU A 172 0.65 -5.83 -12.34
N ALA A 173 1.87 -6.31 -12.65
CA ALA A 173 2.04 -7.43 -13.56
C ALA A 173 1.47 -8.71 -12.98
N ILE A 174 1.57 -8.86 -11.65
CA ILE A 174 0.90 -9.97 -10.99
C ILE A 174 -0.62 -9.81 -11.08
N ASN A 175 -1.14 -8.59 -10.91
CA ASN A 175 -2.57 -8.37 -11.13
C ASN A 175 -2.97 -8.84 -12.54
N PHE A 176 -2.20 -8.41 -13.54
CA PHE A 176 -2.47 -8.68 -14.94
C PHE A 176 -2.51 -10.18 -15.23
N LEU A 177 -1.52 -10.93 -14.72
CA LEU A 177 -1.46 -12.37 -14.92
C LEU A 177 -2.57 -13.10 -14.16
N LEU A 178 -2.94 -12.63 -12.98
CA LEU A 178 -3.99 -13.31 -12.22
C LEU A 178 -5.33 -13.25 -12.95
N MET A 179 -5.66 -12.06 -13.47
CA MET A 179 -6.89 -11.90 -14.25
C MET A 179 -6.86 -12.77 -15.50
N MET A 180 -5.70 -12.86 -16.16
CA MET A 180 -5.55 -13.71 -17.33
C MET A 180 -5.76 -15.18 -16.96
N VAL A 181 -5.04 -15.66 -15.95
CA VAL A 181 -5.10 -17.07 -15.53
C VAL A 181 -6.50 -17.44 -15.07
N SER A 182 -7.14 -16.56 -14.29
CA SER A 182 -8.50 -16.83 -13.84
C SER A 182 -9.49 -16.83 -14.99
N GLY A 183 -9.24 -16.01 -16.02
CA GLY A 183 -10.17 -15.94 -17.15
C GLY A 183 -10.23 -17.27 -17.90
N LEU A 184 -9.05 -17.87 -18.14
CA LEU A 184 -9.04 -19.15 -18.87
C LEU A 184 -9.52 -20.32 -18.02
N LEU A 185 -9.30 -20.26 -16.71
CA LEU A 185 -9.90 -21.26 -15.85
C LEU A 185 -11.42 -21.21 -15.95
N ALA A 186 -11.98 -19.99 -15.88
CA ALA A 186 -13.42 -19.81 -16.03
C ALA A 186 -13.90 -20.21 -17.42
N LEU A 187 -13.13 -19.81 -18.45
CA LEU A 187 -13.43 -20.20 -19.82
C LEU A 187 -13.47 -21.71 -19.95
N ALA A 188 -12.51 -22.39 -19.33
CA ALA A 188 -12.45 -23.84 -19.41
C ALA A 188 -13.69 -24.47 -18.79
N LEU A 189 -14.11 -23.98 -17.64
CA LEU A 189 -15.26 -24.58 -16.96
C LEU A 189 -16.55 -24.32 -17.72
N VAL A 190 -16.75 -23.09 -18.20
CA VAL A 190 -18.01 -22.77 -18.87
C VAL A 190 -18.14 -23.55 -20.18
N LYS A 191 -17.07 -23.54 -20.98
CA LYS A 191 -17.05 -24.24 -22.26
C LYS A 191 -16.51 -25.66 -22.16
N ARG A 192 -16.32 -26.17 -20.93
CA ARG A 192 -15.93 -27.56 -20.67
C ARG A 192 -14.82 -28.04 -21.60
N ASN A 193 -13.82 -27.18 -21.84
CA ASN A 193 -12.71 -27.42 -22.75
C ASN A 193 -11.41 -27.40 -21.96
N TRP A 194 -10.49 -28.31 -22.30
CA TRP A 194 -9.25 -28.45 -21.54
C TRP A 194 -8.16 -27.51 -21.99
N ARG A 195 -8.20 -27.01 -23.22
CA ARG A 195 -7.11 -26.18 -23.71
C ARG A 195 -6.90 -24.92 -22.89
N PRO A 196 -7.92 -24.10 -22.59
CA PRO A 196 -7.66 -22.95 -21.71
C PRO A 196 -7.28 -23.38 -20.30
N LEU A 197 -7.73 -24.55 -19.85
CA LEU A 197 -7.26 -25.05 -18.56
C LEU A 197 -5.75 -25.25 -18.58
N VAL A 198 -5.25 -25.91 -19.63
CA VAL A 198 -3.81 -26.21 -19.72
C VAL A 198 -3.01 -24.92 -19.88
N VAL A 199 -3.49 -23.99 -20.69
CA VAL A 199 -2.83 -22.69 -20.86
C VAL A 199 -2.80 -21.94 -19.53
N ALA A 200 -3.93 -21.94 -18.82
CA ALA A 200 -4.00 -21.25 -17.53
C ALA A 200 -2.95 -21.79 -16.57
N VAL A 201 -2.73 -23.11 -16.58
CA VAL A 201 -1.73 -23.72 -15.71
C VAL A 201 -0.32 -23.33 -16.14
N VAL A 202 -0.03 -23.46 -17.44
CA VAL A 202 1.33 -23.17 -17.90
C VAL A 202 1.73 -21.75 -17.53
N LEU A 203 0.81 -20.78 -17.76
CA LEU A 203 1.10 -19.37 -17.50
C LEU A 203 1.23 -19.12 -16.02
N PHE A 204 0.47 -19.86 -15.22
CA PHE A 204 0.58 -19.71 -13.78
C PHE A 204 1.92 -20.28 -13.29
N ALA A 205 2.38 -21.38 -13.91
CA ALA A 205 3.64 -22.01 -13.50
C ALA A 205 4.85 -21.31 -14.07
N LEU A 206 4.71 -20.65 -15.22
CA LEU A 206 5.89 -20.08 -15.89
C LEU A 206 6.69 -19.12 -15.02
N PRO A 207 6.10 -18.22 -14.23
CA PRO A 207 6.96 -17.36 -13.37
C PRO A 207 7.60 -18.08 -12.19
N PHE A 208 7.26 -19.34 -11.92
CA PHE A 208 7.80 -20.03 -10.75
C PHE A 208 9.32 -19.91 -10.60
N PRO A 209 10.15 -20.13 -11.63
CA PRO A 209 11.60 -19.99 -11.42
C PRO A 209 12.05 -18.56 -11.15
N LEU A 210 11.23 -17.55 -11.42
CA LEU A 210 11.69 -16.18 -11.20
C LEU A 210 12.01 -15.93 -9.72
N ARG A 211 11.34 -16.61 -8.80
CA ARG A 211 11.65 -16.43 -7.39
C ARG A 211 12.99 -17.03 -6.99
N TYR A 212 13.73 -17.60 -7.94
CA TYR A 212 15.08 -18.05 -7.69
C TYR A 212 16.13 -16.99 -7.99
N ILE A 213 15.73 -15.82 -8.51
CA ILE A 213 16.71 -14.82 -8.94
C ILE A 213 16.90 -13.82 -7.81
N GLN A 214 18.10 -13.83 -7.24
CA GLN A 214 18.52 -12.86 -6.23
C GLN A 214 19.02 -11.62 -6.98
N TRP A 215 18.18 -10.60 -7.04
CA TRP A 215 18.48 -9.36 -7.73
C TRP A 215 19.45 -8.46 -6.95
N PHE A 216 19.68 -8.74 -5.67
CA PHE A 216 20.39 -7.86 -4.77
C PHE A 216 21.68 -8.50 -4.30
N THR A 217 22.57 -7.66 -3.77
CA THR A 217 23.79 -8.09 -3.09
C THR A 217 23.76 -7.49 -1.69
N PRO A 218 23.76 -8.29 -0.63
CA PRO A 218 23.84 -7.72 0.72
C PRO A 218 25.19 -7.07 0.96
N GLN A 219 25.18 -6.02 1.78
CA GLN A 219 26.40 -5.37 2.20
C GLN A 219 26.63 -5.64 3.69
N PRO A 220 27.18 -6.80 4.05
CA PRO A 220 27.35 -7.11 5.49
C PRO A 220 28.18 -6.11 6.25
N GLU A 221 29.12 -5.42 5.59
CA GLU A 221 29.93 -4.44 6.31
C GLU A 221 29.10 -3.22 6.72
N LYS A 222 28.01 -2.94 6.02
CA LYS A 222 27.14 -1.83 6.42
C LYS A 222 26.04 -2.27 7.39
N THR A 223 26.13 -3.46 7.97
CA THR A 223 25.07 -3.90 8.86
C THR A 223 25.04 -3.06 10.14
N ILE A 224 23.84 -2.59 10.50
CA ILE A 224 23.68 -1.78 11.70
C ILE A 224 22.57 -2.40 12.56
N GLN A 225 22.54 -1.98 13.81
CA GLN A 225 21.44 -2.33 14.68
C GLN A 225 20.42 -1.20 14.66
N VAL A 226 19.16 -1.55 14.46
CA VAL A 226 18.07 -0.59 14.31
C VAL A 226 17.08 -0.83 15.43
N SER A 227 16.63 0.25 16.05
CA SER A 227 15.50 0.26 16.97
C SER A 227 14.35 1.05 16.37
N MET A 228 13.13 0.54 16.54
CA MET A 228 11.92 1.25 16.19
C MET A 228 11.01 1.25 17.42
N VAL A 229 10.69 2.43 17.92
CA VAL A 229 9.94 2.55 19.18
C VAL A 229 8.45 2.58 18.87
N GLN A 230 7.72 1.55 19.32
CA GLN A 230 6.27 1.47 19.16
C GLN A 230 5.64 2.07 20.41
N GLY A 231 5.30 3.36 20.33
CA GLY A 231 4.97 4.11 21.53
C GLY A 231 3.62 3.78 22.12
N ASP A 232 2.65 3.42 21.26
CA ASP A 232 1.31 3.02 21.67
C ASP A 232 0.60 4.16 22.41
N ILE A 233 0.54 5.30 21.72
CA ILE A 233 -0.15 6.48 22.22
C ILE A 233 -1.61 6.41 21.74
N PRO A 234 -2.59 6.33 22.65
CA PRO A 234 -3.98 6.11 22.23
C PRO A 234 -4.52 7.25 21.38
N GLN A 235 -5.27 6.87 20.33
CA GLN A 235 -5.77 7.85 19.35
C GLN A 235 -6.73 8.86 19.98
N SER A 236 -7.49 8.45 21.00
CA SER A 236 -8.32 9.42 21.72
C SER A 236 -7.46 10.44 22.46
N LEU A 237 -6.25 10.07 22.86
CA LEU A 237 -5.35 10.98 23.55
C LEU A 237 -4.15 11.42 22.72
N LYS A 238 -4.00 10.85 21.54
CA LYS A 238 -2.83 11.05 20.71
C LYS A 238 -2.48 12.52 20.51
N TRP A 239 -3.45 13.35 20.17
CA TRP A 239 -3.23 14.78 19.97
C TRP A 239 -3.79 15.64 21.10
N ASP A 240 -4.08 15.06 22.26
CA ASP A 240 -4.53 15.88 23.38
C ASP A 240 -3.45 16.88 23.76
N GLU A 241 -3.84 18.15 23.84
CA GLU A 241 -2.92 19.25 24.08
C GLU A 241 -2.57 19.37 25.56
N GLY A 242 -2.53 18.24 26.27
CA GLY A 242 -2.20 18.23 27.68
C GLY A 242 -1.36 17.03 28.07
N GLN A 243 -1.09 16.14 27.11
CA GLN A 243 -0.29 14.96 27.42
C GLN A 243 0.81 14.76 26.40
N LEU A 244 1.27 15.86 25.80
CA LEU A 244 2.49 15.83 24.99
C LEU A 244 3.69 15.43 25.82
N LEU A 245 3.77 15.91 27.07
CA LEU A 245 4.91 15.55 27.91
C LEU A 245 5.00 14.05 28.08
N ASN A 246 3.88 13.40 28.40
CA ASN A 246 3.86 11.95 28.52
C ASN A 246 4.39 11.29 27.24
N THR A 247 3.87 11.69 26.08
CA THR A 247 4.38 11.14 24.84
C THR A 247 5.88 11.38 24.71
N LEU A 248 6.33 12.60 25.04
CA LEU A 248 7.74 12.91 24.94
C LEU A 248 8.57 12.05 25.91
N LYS A 249 8.03 11.81 27.11
CA LYS A 249 8.77 11.01 28.08
C LYS A 249 8.79 9.54 27.67
N ILE A 250 7.69 9.07 27.10
CA ILE A 250 7.60 7.67 26.70
C ILE A 250 8.65 7.36 25.63
N TYR A 251 8.68 8.15 24.55
CA TYR A 251 9.61 7.85 23.45
C TYR A 251 11.04 8.07 23.87
N TYR A 252 11.30 9.15 24.62
CA TYR A 252 12.67 9.43 25.07
C TYR A 252 13.19 8.32 25.97
N ASN A 253 12.39 7.94 26.98
CA ASN A 253 12.80 6.89 27.92
C ASN A 253 12.97 5.55 27.22
N ALA A 254 12.21 5.28 26.16
CA ALA A 254 12.43 4.05 25.42
C ALA A 254 13.72 4.13 24.61
N THR A 255 14.16 5.33 24.26
CA THR A 255 15.30 5.49 23.37
C THR A 255 16.63 5.61 24.12
N ALA A 256 16.68 6.42 25.19
CA ALA A 256 17.93 6.63 25.92
C ALA A 256 18.75 5.35 26.15
N PRO A 257 18.23 4.26 26.72
CA PRO A 257 19.09 3.08 26.94
C PRO A 257 19.64 2.49 25.65
N LEU A 258 19.09 2.88 24.49
CA LEU A 258 19.52 2.31 23.23
C LEU A 258 20.61 3.12 22.57
N MET A 259 20.93 4.30 23.12
CA MET A 259 21.89 5.19 22.50
C MET A 259 23.28 4.61 22.67
N GLY A 260 24.05 4.63 21.61
CA GLY A 260 25.34 4.00 21.61
C GLY A 260 25.30 2.54 21.24
N LYS A 261 24.09 1.97 21.09
CA LYS A 261 23.94 0.56 20.73
C LYS A 261 23.09 0.35 19.49
N SER A 262 22.04 1.14 19.31
CA SER A 262 21.32 1.23 18.04
C SER A 262 21.90 2.39 17.24
N SER A 263 22.41 2.10 16.03
CA SER A 263 22.86 3.19 15.17
C SER A 263 21.68 4.03 14.70
N LEU A 264 20.52 3.40 14.56
CA LEU A 264 19.34 4.06 14.01
C LEU A 264 18.15 3.76 14.91
N ILE A 265 17.44 4.80 15.32
CA ILE A 265 16.24 4.71 16.14
C ILE A 265 15.15 5.45 15.40
N ILE A 266 13.95 4.88 15.38
CA ILE A 266 12.86 5.33 14.52
C ILE A 266 11.60 5.46 15.35
N TRP A 267 11.04 6.68 15.43
CA TRP A 267 9.75 6.95 16.03
C TRP A 267 8.70 7.11 14.94
N PRO A 268 7.50 6.56 15.14
CA PRO A 268 6.52 6.49 14.04
C PRO A 268 5.94 7.83 13.61
N GLU A 269 4.84 7.77 12.87
CA GLU A 269 4.24 8.96 12.27
C GLU A 269 3.73 9.92 13.33
N SER A 270 4.13 11.19 13.17
CA SER A 270 3.82 12.25 14.12
C SER A 270 3.99 11.81 15.56
N ALA A 271 5.03 11.02 15.84
CA ALA A 271 5.32 10.63 17.22
C ALA A 271 5.37 11.84 18.11
N ILE A 272 6.14 12.86 17.71
CA ILE A 272 6.11 14.16 18.39
C ILE A 272 4.84 14.87 17.95
N THR A 273 3.84 14.86 18.82
CA THR A 273 2.52 15.41 18.52
C THR A 273 2.46 16.87 18.94
N ASP A 274 3.15 17.70 18.16
CA ASP A 274 3.31 19.13 18.43
C ASP A 274 4.09 19.69 17.26
N LEU A 275 3.99 20.99 17.07
CA LEU A 275 4.69 21.58 15.94
C LEU A 275 6.20 21.51 16.15
N GLU A 276 6.93 21.29 15.06
CA GLU A 276 8.39 21.24 15.13
C GLU A 276 8.98 22.54 15.67
N ILE A 277 8.37 23.68 15.34
CA ILE A 277 8.93 24.96 15.76
C ILE A 277 8.76 25.19 17.26
N ASN A 278 7.81 24.50 17.90
CA ASN A 278 7.55 24.61 19.33
C ASN A 278 8.44 23.70 20.17
N GLN A 279 9.23 22.84 19.54
CA GLN A 279 9.98 21.81 20.26
C GLN A 279 11.48 21.94 20.02
N GLN A 280 11.94 23.15 19.71
CA GLN A 280 13.37 23.35 19.49
C GLN A 280 14.23 22.97 20.69
N PRO A 281 13.89 23.34 21.93
CA PRO A 281 14.76 22.93 23.05
C PRO A 281 14.83 21.44 23.25
N PHE A 282 13.70 20.73 23.09
CA PHE A 282 13.75 19.29 23.23
C PHE A 282 14.58 18.67 22.10
N LEU A 283 14.42 19.19 20.88
CA LEU A 283 15.11 18.60 19.72
C LEU A 283 16.60 18.90 19.76
N LYS A 284 16.97 20.16 20.03
CA LYS A 284 18.39 20.50 20.13
C LYS A 284 19.05 19.65 21.21
N ALA A 285 18.35 19.41 22.33
CA ALA A 285 18.94 18.69 23.44
C ALA A 285 19.12 17.21 23.12
N LEU A 286 18.10 16.60 22.53
CA LEU A 286 18.17 15.22 22.09
C LEU A 286 19.26 15.02 21.04
N ASP A 287 19.41 16.00 20.15
CA ASP A 287 20.36 15.84 19.05
C ASP A 287 21.78 15.68 19.58
N GLY A 288 22.22 16.63 20.41
CA GLY A 288 23.53 16.51 21.03
C GLY A 288 23.72 15.21 21.80
N GLU A 289 22.67 14.74 22.49
CA GLU A 289 22.83 13.49 23.23
C GLU A 289 23.07 12.34 22.27
N LEU A 290 22.20 12.20 21.26
CA LEU A 290 22.37 11.21 20.21
C LEU A 290 23.76 11.29 19.59
N ARG A 291 24.22 12.49 19.25
CA ARG A 291 25.56 12.62 18.69
C ARG A 291 26.65 12.25 19.70
N ASP A 292 26.47 12.61 20.98
CA ASP A 292 27.45 12.23 22.00
C ASP A 292 27.66 10.72 22.04
N LYS A 293 26.60 9.95 21.85
CA LYS A 293 26.69 8.53 21.58
C LYS A 293 26.76 8.33 20.07
N GLY A 294 26.87 7.10 19.63
CA GLY A 294 27.07 7.05 18.19
C GLY A 294 25.79 6.89 17.42
N SER A 295 24.69 7.45 17.91
CA SER A 295 23.36 7.05 17.46
C SER A 295 22.64 8.15 16.69
N SER A 296 21.63 7.73 15.93
CA SER A 296 20.86 8.66 15.13
C SER A 296 19.37 8.36 15.25
N LEU A 297 18.54 9.39 15.26
CA LEU A 297 17.09 9.26 15.44
C LEU A 297 16.36 9.80 14.22
N VAL A 298 15.36 9.05 13.77
CA VAL A 298 14.45 9.43 12.69
C VAL A 298 13.04 9.42 13.27
N THR A 299 12.36 10.56 13.25
CA THR A 299 11.04 10.63 13.87
C THR A 299 10.07 11.43 13.03
N GLY A 300 8.80 11.03 13.09
CA GLY A 300 7.73 11.83 12.53
C GLY A 300 7.40 13.01 13.42
N ILE A 301 6.84 14.04 12.79
CA ILE A 301 6.45 15.27 13.48
C ILE A 301 5.61 16.13 12.55
N VAL A 302 4.91 17.11 13.09
CA VAL A 302 4.16 18.07 12.30
C VAL A 302 4.94 19.37 12.25
N ASP A 303 5.13 19.88 11.05
CA ASP A 303 5.86 21.12 10.86
C ASP A 303 4.92 22.16 10.25
N ALA A 304 4.40 23.07 11.08
CA ALA A 304 3.71 24.26 10.56
C ALA A 304 4.78 25.27 10.22
N ARG A 305 5.07 25.42 8.94
CA ARG A 305 6.21 26.20 8.49
C ARG A 305 5.72 27.49 7.84
N LEU A 306 6.09 28.61 8.44
CA LEU A 306 5.81 29.93 7.91
C LEU A 306 6.46 30.07 6.53
N ASN A 307 5.66 30.38 5.52
CA ASN A 307 6.15 30.47 4.16
C ASN A 307 6.76 31.86 3.92
N LYS A 308 7.02 32.18 2.65
CA LYS A 308 7.49 33.51 2.30
C LYS A 308 6.37 34.54 2.45
N GLN A 309 5.12 34.15 2.12
CA GLN A 309 3.93 35.02 2.09
C GLN A 309 3.27 35.22 3.47
N ASN A 310 3.96 34.90 4.56
CA ASN A 310 3.48 35.07 5.94
C ASN A 310 2.26 34.20 6.29
N ARG A 311 2.01 33.13 5.55
CA ARG A 311 0.99 32.14 5.91
C ARG A 311 1.70 30.84 6.25
N TYR A 312 0.95 29.89 6.79
CA TYR A 312 1.55 28.65 7.25
C TYR A 312 1.24 27.50 6.30
N ASP A 313 2.30 26.76 5.94
CA ASP A 313 2.17 25.44 5.34
C ASP A 313 2.39 24.43 6.45
N THR A 314 1.41 23.56 6.67
CA THR A 314 1.51 22.51 7.66
C THR A 314 1.77 21.18 6.94
N TYR A 315 2.88 20.54 7.27
CA TYR A 315 3.29 19.29 6.65
C TYR A 315 3.26 18.13 7.65
N ASN A 316 3.11 16.94 7.11
CA ASN A 316 3.27 15.71 7.86
C ASN A 316 4.70 15.24 7.56
N THR A 317 5.58 15.33 8.54
CA THR A 317 7.00 15.28 8.23
C THR A 317 7.75 14.28 9.09
N ILE A 318 8.91 13.92 8.56
CA ILE A 318 9.91 13.10 9.23
C ILE A 318 11.16 13.95 9.37
N ILE A 319 11.74 13.98 10.57
CA ILE A 319 12.97 14.73 10.76
C ILE A 319 14.07 13.79 11.26
N THR A 320 15.31 14.26 11.15
CA THR A 320 16.46 13.44 11.53
C THR A 320 17.34 14.19 12.52
N LEU A 321 17.83 13.47 13.52
CA LEU A 321 18.70 14.03 14.56
C LEU A 321 19.84 13.06 14.81
N GLY A 322 20.78 13.47 15.62
CA GLY A 322 21.85 12.59 15.97
C GLY A 322 22.99 12.43 15.05
N LYS A 323 23.74 11.38 15.26
CA LYS A 323 24.95 11.15 14.51
C LYS A 323 24.76 11.12 13.03
N GLY A 324 25.52 11.91 12.32
CA GLY A 324 25.41 11.95 10.90
C GLY A 324 24.23 12.73 10.38
N ALA A 325 23.43 13.29 11.28
CA ALA A 325 22.29 14.06 10.82
C ALA A 325 21.93 15.15 11.83
N PRO A 326 22.84 16.07 12.08
CA PRO A 326 22.65 17.03 13.16
C PRO A 326 21.40 17.87 12.93
N TYR A 327 20.53 17.90 13.94
CA TYR A 327 19.20 18.47 13.76
C TYR A 327 19.28 19.97 13.51
N SER A 328 18.41 20.46 12.64
CA SER A 328 18.29 21.88 12.38
C SER A 328 16.93 22.12 11.74
N TYR A 329 16.20 23.14 12.25
CA TYR A 329 14.93 23.51 11.63
C TYR A 329 15.11 23.84 10.15
N GLU A 330 16.32 24.26 9.76
CA GLU A 330 16.63 24.55 8.38
C GLU A 330 17.28 23.38 7.65
N SER A 331 17.24 22.18 8.22
CA SER A 331 17.97 21.08 7.62
C SER A 331 17.26 20.56 6.38
N ALA A 332 18.04 20.04 5.44
CA ALA A 332 17.51 19.35 4.28
C ALA A 332 17.33 17.86 4.52
N ASP A 333 17.60 17.38 5.73
CA ASP A 333 17.48 15.95 6.03
C ASP A 333 16.11 15.67 6.64
N ARG A 334 15.08 15.79 5.79
CA ARG A 334 13.69 15.66 6.23
C ARG A 334 12.83 15.24 5.04
N TYR A 335 11.60 14.83 5.33
CA TYR A 335 10.68 14.39 4.28
C TYR A 335 9.28 14.87 4.63
N ASN A 336 8.62 15.50 3.66
CA ASN A 336 7.26 15.99 3.81
C ASN A 336 6.30 15.11 3.03
N LYS A 337 5.25 14.62 3.69
CA LYS A 337 4.30 13.73 3.04
C LYS A 337 3.77 14.37 1.75
N ASN A 338 3.78 13.60 0.65
CA ASN A 338 3.33 14.13 -0.64
C ASN A 338 1.88 13.76 -0.94
N HIS A 339 1.50 12.51 -0.69
CA HIS A 339 0.15 12.01 -0.96
C HIS A 339 -0.67 12.06 0.33
N LEU A 340 -1.71 12.88 0.34
CA LEU A 340 -2.51 13.11 1.52
C LEU A 340 -3.78 12.28 1.49
N VAL A 341 -4.24 11.86 2.66
CA VAL A 341 -5.43 11.03 2.78
C VAL A 341 -6.64 11.93 2.61
N PRO A 342 -7.48 11.66 1.63
CA PRO A 342 -8.66 12.48 1.43
C PRO A 342 -9.48 12.38 2.67
N PHE A 343 -10.08 13.51 3.07
CA PHE A 343 -10.89 13.64 4.28
C PHE A 343 -10.08 13.72 5.58
N GLY A 344 -9.22 12.75 5.84
CA GLY A 344 -8.30 12.75 6.94
C GLY A 344 -7.28 13.84 6.83
N GLU A 345 -6.74 14.16 5.66
CA GLU A 345 -5.77 15.24 5.66
C GLU A 345 -6.12 16.48 4.86
N PHE A 346 -7.11 16.38 3.97
CA PHE A 346 -7.57 17.53 3.20
C PHE A 346 -9.01 17.28 2.77
N VAL A 347 -9.73 18.34 2.47
CA VAL A 347 -11.08 18.13 2.01
C VAL A 347 -10.95 17.98 0.51
N PRO A 348 -11.36 16.84 -0.03
CA PRO A 348 -11.17 16.66 -1.45
C PRO A 348 -12.06 17.60 -2.20
N LEU A 349 -11.52 18.18 -3.26
CA LEU A 349 -12.19 19.12 -4.11
C LEU A 349 -12.13 20.42 -3.37
N GLU A 350 -11.37 21.34 -3.88
CA GLU A 350 -11.23 22.62 -3.23
C GLU A 350 -12.20 23.66 -3.80
N SER A 351 -13.06 23.24 -4.73
CA SER A 351 -14.04 24.11 -5.35
C SER A 351 -15.12 24.66 -4.39
N ILE A 352 -15.33 24.04 -3.24
CA ILE A 352 -16.29 24.49 -2.24
C ILE A 352 -15.84 25.63 -1.30
N LEU A 353 -16.80 26.30 -0.66
CA LEU A 353 -16.60 27.39 0.31
C LEU A 353 -17.88 27.66 1.11
N ARG A 354 -17.71 28.11 2.36
CA ARG A 354 -18.82 28.62 3.17
C ARG A 354 -18.59 30.08 3.58
N SER A 365 -7.54 22.41 9.20
CA SER A 365 -7.79 22.64 7.79
C SER A 365 -7.12 21.53 6.96
N SER A 366 -6.34 21.89 5.95
CA SER A 366 -5.77 20.92 5.02
C SER A 366 -4.24 20.95 5.08
N PHE A 367 -3.64 19.76 5.19
CA PHE A 367 -2.19 19.68 5.15
C PHE A 367 -1.66 20.19 3.81
N SER A 368 -0.43 20.68 3.83
CA SER A 368 0.28 20.92 2.58
C SER A 368 1.00 19.66 2.12
N ARG A 369 1.40 19.65 0.85
CA ARG A 369 2.10 18.52 0.26
C ARG A 369 3.57 18.85 0.04
N GLY A 370 4.42 17.88 0.32
CA GLY A 370 5.78 17.94 -0.15
C GLY A 370 5.85 17.54 -1.60
N PRO A 371 7.05 17.64 -2.17
CA PRO A 371 7.22 17.32 -3.59
C PRO A 371 7.03 15.85 -3.85
N TYR A 372 6.66 15.51 -5.09
CA TYR A 372 6.41 14.12 -5.44
C TYR A 372 7.69 13.26 -5.35
N ILE A 373 8.83 13.84 -5.68
CA ILE A 373 10.12 13.17 -5.60
C ILE A 373 10.97 13.91 -4.59
N GLN A 374 11.53 13.18 -3.65
CA GLN A 374 12.34 13.74 -2.59
C GLN A 374 13.57 12.87 -2.38
N PRO A 375 14.69 13.45 -1.95
CA PRO A 375 15.90 12.65 -1.80
C PRO A 375 15.79 11.75 -0.58
N PRO A 376 16.52 10.63 -0.56
CA PRO A 376 16.51 9.77 0.63
C PRO A 376 16.97 10.57 1.84
N LEU A 377 16.37 10.27 3.00
CA LEU A 377 16.92 10.72 4.27
C LEU A 377 18.29 10.07 4.50
N SER A 378 19.13 10.72 5.28
CA SER A 378 20.45 10.18 5.62
C SER A 378 20.65 10.22 7.13
N ALA A 379 20.86 9.05 7.74
CA ALA A 379 21.04 8.97 9.19
C ALA A 379 22.17 7.99 9.50
N ASN A 380 23.20 8.49 10.19
CA ASN A 380 24.38 7.69 10.56
C ASN A 380 24.96 6.93 9.36
N GLY A 381 25.08 7.61 8.23
CA GLY A 381 25.71 7.00 7.08
C GLY A 381 24.82 6.09 6.26
N ILE A 382 23.52 6.02 6.59
CA ILE A 382 22.56 5.12 5.96
C ILE A 382 21.52 5.93 5.19
N GLU A 383 21.26 5.54 3.95
CA GLU A 383 20.24 6.21 3.14
C GLU A 383 18.93 5.44 3.14
N LEU A 384 17.85 6.13 3.50
CA LEU A 384 16.51 5.56 3.59
C LEU A 384 15.57 6.31 2.67
N THR A 385 14.79 5.57 1.90
CA THR A 385 13.76 6.13 1.04
C THR A 385 12.45 6.07 1.81
N ALA A 386 11.84 7.22 2.06
CA ALA A 386 10.75 7.31 3.02
C ALA A 386 9.38 7.33 2.36
N ALA A 387 8.38 6.78 3.07
CA ALA A 387 6.96 6.96 2.77
C ALA A 387 6.17 7.02 4.07
N ILE A 388 5.18 7.90 4.14
CA ILE A 388 4.33 8.01 5.32
C ILE A 388 2.95 7.41 5.03
N CYS A 389 2.47 6.59 5.95
CA CYS A 389 1.12 6.03 5.96
C CYS A 389 0.93 5.26 4.65
N TYR A 390 -0.18 5.41 3.95
CA TYR A 390 -0.43 4.54 2.81
C TYR A 390 0.27 5.00 1.54
N GLU A 391 1.17 6.00 1.64
CA GLU A 391 2.11 6.26 0.56
C GLU A 391 2.90 5.02 0.17
N ILE A 392 3.17 4.14 1.13
CA ILE A 392 3.94 2.94 0.85
C ILE A 392 3.23 2.00 -0.11
N ILE A 393 1.93 2.19 -0.34
CA ILE A 393 1.19 1.31 -1.24
C ILE A 393 1.21 1.83 -2.66
N LEU A 394 1.76 3.02 -2.89
CA LEU A 394 1.82 3.61 -4.22
C LEU A 394 3.13 3.13 -4.84
N GLY A 395 3.06 1.97 -5.49
CA GLY A 395 4.29 1.30 -5.89
C GLY A 395 5.16 2.16 -6.77
N GLU A 396 4.55 2.91 -7.69
CA GLU A 396 5.30 3.72 -8.65
C GLU A 396 5.89 4.95 -7.99
N GLN A 397 5.16 5.57 -7.07
CA GLN A 397 5.69 6.72 -6.35
C GLN A 397 6.90 6.31 -5.52
N VAL A 398 6.84 5.15 -4.87
CA VAL A 398 7.97 4.66 -4.10
C VAL A 398 9.16 4.38 -5.03
N ARG A 399 8.89 3.75 -6.17
CA ARG A 399 9.97 3.44 -7.09
C ARG A 399 10.59 4.71 -7.67
N ASP A 400 9.76 5.74 -7.89
CA ASP A 400 10.27 6.99 -8.46
C ASP A 400 11.15 7.74 -7.48
N ASN A 401 10.92 7.58 -6.16
CA ASN A 401 11.80 8.20 -5.18
C ASN A 401 13.02 7.35 -4.89
N PHE A 402 12.91 6.05 -5.13
CA PHE A 402 14.01 5.14 -4.87
C PHE A 402 15.24 5.60 -5.66
N ARG A 403 16.40 5.45 -5.04
CA ARG A 403 17.65 5.68 -5.72
C ARG A 403 18.50 4.41 -5.61
N PRO A 404 19.44 4.20 -6.54
CA PRO A 404 20.33 3.03 -6.39
C PRO A 404 21.11 3.02 -5.10
N ASP A 405 21.48 4.20 -4.60
CA ASP A 405 22.24 4.28 -3.36
C ASP A 405 21.38 4.11 -2.11
N THR A 406 20.08 3.88 -2.24
CA THR A 406 19.22 3.60 -1.09
C THR A 406 19.69 2.34 -0.36
N ASP A 407 19.72 2.41 0.98
CA ASP A 407 20.09 1.28 1.82
C ASP A 407 18.87 0.52 2.34
N TYR A 408 17.87 1.25 2.87
CA TYR A 408 16.62 0.66 3.36
C TYR A 408 15.43 1.47 2.89
N LEU A 409 14.33 0.77 2.63
CA LEU A 409 13.05 1.44 2.53
C LEU A 409 12.57 1.75 3.94
N LEU A 410 11.91 2.90 4.08
CA LEU A 410 11.41 3.36 5.37
C LEU A 410 9.98 3.82 5.21
N THR A 411 9.07 3.26 6.00
CA THR A 411 7.73 3.80 6.09
C THR A 411 7.38 3.91 7.57
N ILE A 412 6.71 4.99 7.94
CA ILE A 412 6.17 5.15 9.28
C ILE A 412 4.69 5.46 9.15
N SER A 413 3.89 4.92 10.07
CA SER A 413 2.44 4.99 9.95
C SER A 413 1.81 4.99 11.33
N ASN A 414 0.67 5.64 11.47
CA ASN A 414 -0.18 5.45 12.65
C ASN A 414 -1.43 4.71 12.19
N ASP A 415 -1.42 3.39 12.34
CA ASP A 415 -2.58 2.58 11.96
C ASP A 415 -3.62 2.48 13.07
N ALA A 416 -3.56 3.32 14.11
CA ALA A 416 -4.57 3.20 15.16
C ALA A 416 -5.96 3.55 14.67
N TRP A 417 -6.06 4.35 13.60
CA TRP A 417 -7.37 4.76 13.12
C TRP A 417 -8.23 3.57 12.69
N PHE A 418 -7.59 2.47 12.26
CA PHE A 418 -8.33 1.31 11.75
C PHE A 418 -8.63 0.29 12.83
N GLY A 419 -8.29 0.56 14.08
CA GLY A 419 -8.53 -0.38 15.16
C GLY A 419 -8.04 -1.81 14.95
N LYS A 420 -8.70 -2.75 15.62
CA LYS A 420 -8.35 -4.17 15.64
C LYS A 420 -8.87 -4.93 14.42
N SER A 421 -8.91 -4.32 13.23
CA SER A 421 -9.56 -4.94 12.09
C SER A 421 -8.54 -5.55 11.13
N ILE A 422 -8.98 -5.91 9.92
CA ILE A 422 -8.05 -6.41 8.91
C ILE A 422 -7.31 -5.29 8.18
N GLY A 423 -7.74 -4.04 8.39
CA GLY A 423 -7.10 -2.88 7.80
C GLY A 423 -5.59 -2.81 7.95
N PRO A 424 -5.09 -2.76 9.18
CA PRO A 424 -3.62 -2.68 9.35
C PRO A 424 -2.88 -3.89 8.80
N TRP A 425 -3.53 -5.05 8.72
CA TRP A 425 -2.90 -6.20 8.08
C TRP A 425 -2.81 -6.02 6.56
N GLN A 426 -3.88 -5.50 5.93
CA GLN A 426 -3.85 -5.21 4.50
C GLN A 426 -2.80 -4.16 4.18
N HIS A 427 -2.77 -3.07 4.95
CA HIS A 427 -1.75 -2.04 4.79
C HIS A 427 -0.36 -2.66 4.86
N PHE A 428 -0.14 -3.51 5.87
CA PHE A 428 1.18 -4.11 6.12
C PHE A 428 1.61 -5.02 4.98
N GLN A 429 0.70 -5.86 4.49
CA GLN A 429 0.99 -6.73 3.35
C GLN A 429 1.46 -5.91 2.14
N MET A 430 0.82 -4.78 1.88
CA MET A 430 1.20 -3.97 0.72
C MET A 430 2.60 -3.41 0.89
N ALA A 431 2.95 -2.98 2.10
CA ALA A 431 4.29 -2.44 2.32
C ALA A 431 5.38 -3.48 2.02
N ARG A 432 5.12 -4.76 2.36
CA ARG A 432 6.08 -5.83 2.05
C ARG A 432 6.34 -5.95 0.56
N MET A 433 5.32 -5.72 -0.27
CA MET A 433 5.51 -5.80 -1.71
C MET A 433 6.58 -4.82 -2.19
N ARG A 434 6.73 -3.69 -1.51
CA ARG A 434 7.74 -2.73 -1.90
C ARG A 434 9.14 -3.29 -1.66
N ALA A 435 9.33 -4.06 -0.59
CA ALA A 435 10.64 -4.60 -0.31
C ALA A 435 11.07 -5.59 -1.40
N LEU A 436 10.14 -6.43 -1.86
CA LEU A 436 10.47 -7.36 -2.92
C LEU A 436 10.71 -6.65 -4.25
N GLU A 437 9.97 -5.57 -4.50
CA GLU A 437 10.00 -4.98 -5.83
C GLU A 437 11.35 -4.32 -6.09
N LEU A 438 11.78 -3.48 -5.17
CA LEU A 438 13.05 -2.78 -5.24
C LEU A 438 14.18 -3.52 -4.52
N ALA A 439 13.89 -4.67 -3.93
CA ALA A 439 14.91 -5.51 -3.31
C ALA A 439 15.78 -4.74 -2.31
N ARG A 440 15.11 -4.08 -1.37
CA ARG A 440 15.78 -3.50 -0.21
C ARG A 440 15.02 -3.91 1.04
N PRO A 441 15.67 -3.87 2.21
CA PRO A 441 14.91 -4.06 3.45
C PRO A 441 13.89 -2.95 3.61
N LEU A 442 12.81 -3.26 4.28
CA LEU A 442 11.82 -2.24 4.61
C LEU A 442 11.76 -2.09 6.12
N LEU A 443 12.08 -0.91 6.58
CA LEU A 443 11.87 -0.53 7.96
C LEU A 443 10.48 0.07 8.07
N ARG A 444 9.59 -0.57 8.84
CA ARG A 444 8.24 -0.04 9.04
C ARG A 444 7.97 0.22 10.51
N SER A 445 7.59 1.47 10.81
CA SER A 445 7.50 1.95 12.19
C SER A 445 6.12 2.55 12.43
N THR A 446 5.40 2.04 13.43
CA THR A 446 4.01 2.42 13.67
C THR A 446 3.77 2.72 15.14
N ASN A 447 2.61 3.34 15.40
CA ASN A 447 2.22 3.73 16.76
C ASN A 447 1.90 2.51 17.60
N ASN A 448 0.95 1.73 17.14
CA ASN A 448 0.53 0.52 17.79
C ASN A 448 0.41 -0.68 16.92
N GLY A 449 0.61 -0.56 15.63
CA GLY A 449 0.38 -1.68 14.77
C GLY A 449 1.15 -1.96 13.55
N ILE A 450 1.66 -3.16 13.55
CA ILE A 450 2.56 -3.75 12.59
C ILE A 450 3.90 -3.09 12.27
N THR A 451 4.72 -3.06 13.31
CA THR A 451 6.04 -2.56 13.27
C THR A 451 6.88 -3.78 12.97
N ALA A 452 7.62 -3.74 11.88
CA ALA A 452 8.41 -4.86 11.46
C ALA A 452 9.54 -4.52 10.50
N VAL A 453 10.44 -5.47 10.34
CA VAL A 453 11.52 -5.36 9.37
C VAL A 453 11.27 -6.41 8.28
N ILE A 454 11.29 -5.95 7.04
CA ILE A 454 11.07 -6.79 5.88
C ILE A 454 12.39 -6.92 5.16
N GLY A 455 12.75 -8.15 4.78
CA GLY A 455 13.95 -8.41 4.01
C GLY A 455 13.80 -8.03 2.55
N PRO A 456 14.91 -7.99 1.80
CA PRO A 456 14.85 -7.50 0.41
C PRO A 456 14.08 -8.42 -0.54
N GLN A 457 13.55 -9.55 -0.07
CA GLN A 457 12.73 -10.43 -0.87
C GLN A 457 11.30 -10.49 -0.33
N GLY A 458 10.92 -9.53 0.52
CA GLY A 458 9.58 -9.48 1.07
C GLY A 458 9.32 -10.36 2.28
N GLU A 459 10.33 -11.07 2.78
CA GLU A 459 10.17 -11.91 3.96
C GLU A 459 10.11 -11.03 5.20
N ILE A 460 9.52 -11.56 6.27
CA ILE A 460 9.44 -10.86 7.54
C ILE A 460 10.68 -11.24 8.35
N GLN A 461 11.57 -10.27 8.59
CA GLN A 461 12.77 -10.56 9.37
C GLN A 461 12.50 -10.42 10.85
N ALA A 462 11.60 -9.53 11.21
CA ALA A 462 11.31 -9.24 12.61
C ALA A 462 9.99 -8.51 12.66
N MET A 463 9.16 -8.84 13.64
CA MET A 463 8.02 -7.99 13.94
C MET A 463 7.71 -8.07 15.43
N ILE A 464 7.03 -7.04 15.92
CA ILE A 464 6.58 -7.04 17.31
C ILE A 464 5.05 -7.06 17.30
N PRO A 465 4.43 -7.58 18.36
CA PRO A 465 2.96 -7.68 18.37
C PRO A 465 2.29 -6.32 18.41
N GLN A 466 1.06 -6.28 17.87
CA GLN A 466 0.29 -5.03 17.86
C GLN A 466 -0.13 -4.61 19.27
N PHE A 467 -0.56 -3.36 19.37
CA PHE A 467 -1.25 -2.81 20.55
C PHE A 467 -0.39 -2.87 21.80
N THR A 468 0.93 -2.82 21.65
CA THR A 468 1.85 -2.92 22.78
C THR A 468 2.85 -1.78 22.72
N ARG A 469 3.26 -1.31 23.89
CA ARG A 469 4.36 -0.35 24.00
C ARG A 469 5.67 -1.13 24.10
N GLU A 470 6.45 -1.14 23.03
CA GLU A 470 7.77 -1.76 23.10
C GLU A 470 8.58 -1.29 21.90
N VAL A 471 9.84 -1.72 21.85
CA VAL A 471 10.75 -1.34 20.78
C VAL A 471 11.22 -2.61 20.09
N LEU A 472 11.16 -2.60 18.76
CA LEU A 472 11.77 -3.64 17.96
C LEU A 472 13.22 -3.25 17.75
N THR A 473 14.14 -4.11 18.16
CA THR A 473 15.55 -3.88 17.97
C THR A 473 16.16 -5.12 17.32
N THR A 474 16.88 -4.90 16.23
CA THR A 474 17.40 -6.02 15.46
C THR A 474 18.45 -5.47 14.52
N ASN A 475 19.29 -6.37 14.04
CA ASN A 475 20.30 -6.02 13.08
C ASN A 475 19.72 -6.22 11.70
N VAL A 476 20.10 -5.37 10.76
CA VAL A 476 19.56 -5.50 9.42
C VAL A 476 20.64 -5.06 8.44
N THR A 477 20.77 -5.84 7.37
CA THR A 477 21.87 -5.67 6.44
C THR A 477 21.35 -4.93 5.22
N PRO A 478 21.93 -3.78 4.86
CA PRO A 478 21.55 -3.14 3.60
C PRO A 478 21.96 -3.98 2.41
N THR A 479 21.19 -3.84 1.32
CA THR A 479 21.52 -4.51 0.07
C THR A 479 21.69 -3.47 -1.03
N THR A 480 22.28 -3.92 -2.13
CA THR A 480 22.51 -3.03 -3.26
C THR A 480 22.17 -3.82 -4.53
N GLY A 481 22.15 -3.10 -5.65
CA GLY A 481 21.74 -3.69 -6.91
C GLY A 481 20.33 -3.24 -7.32
N LEU A 482 20.08 -3.28 -8.62
CA LEU A 482 18.82 -2.80 -9.20
C LEU A 482 18.02 -3.99 -9.72
N THR A 483 16.78 -4.12 -9.27
CA THR A 483 15.86 -5.05 -9.91
C THR A 483 15.48 -4.50 -11.27
N PRO A 484 14.93 -5.33 -12.16
CA PRO A 484 14.43 -4.79 -13.43
C PRO A 484 13.30 -3.79 -13.25
N TYR A 485 12.44 -4.01 -12.27
CA TYR A 485 11.39 -3.03 -12.01
C TYR A 485 11.97 -1.73 -11.46
N ALA A 486 13.03 -1.77 -10.63
CA ALA A 486 13.57 -0.49 -10.17
C ALA A 486 14.15 0.31 -11.33
N ARG A 487 14.68 -0.36 -12.35
CA ARG A 487 15.23 0.34 -13.51
C ARG A 487 14.16 0.92 -14.44
N THR A 488 12.96 0.33 -14.50
CA THR A 488 11.97 0.72 -15.49
C THR A 488 10.66 1.24 -14.93
N GLY A 489 10.33 0.97 -13.67
CA GLY A 489 8.98 1.25 -13.25
C GLY A 489 7.96 0.54 -14.11
N ASN A 490 6.75 1.12 -14.18
CA ASN A 490 5.56 0.49 -14.75
C ASN A 490 5.53 0.47 -16.28
N TRP A 491 6.50 1.08 -16.96
CA TRP A 491 6.27 1.24 -18.38
C TRP A 491 6.33 -0.07 -19.19
N PRO A 492 7.11 -1.09 -18.80
CA PRO A 492 7.03 -2.35 -19.58
C PRO A 492 5.65 -2.99 -19.56
N LEU A 493 4.99 -3.04 -18.41
CA LEU A 493 3.65 -3.62 -18.37
C LEU A 493 2.66 -2.79 -19.18
N TRP A 494 2.75 -1.47 -19.11
CA TRP A 494 1.86 -0.64 -19.92
C TRP A 494 2.04 -0.93 -21.40
N VAL A 495 3.27 -1.09 -21.87
CA VAL A 495 3.47 -1.40 -23.27
C VAL A 495 2.79 -2.72 -23.62
N LEU A 496 2.90 -3.71 -22.72
CA LEU A 496 2.22 -4.98 -22.94
C LEU A 496 0.70 -4.81 -22.92
N THR A 497 0.17 -3.97 -22.02
CA THR A 497 -1.28 -3.79 -22.02
C THR A 497 -1.74 -3.00 -23.24
N ALA A 498 -0.94 -2.04 -23.72
CA ALA A 498 -1.29 -1.37 -24.97
C ALA A 498 -1.27 -2.37 -26.13
N LEU A 499 -0.29 -3.27 -26.16
CA LEU A 499 -0.25 -4.29 -27.21
C LEU A 499 -1.48 -5.19 -27.12
N PHE A 500 -1.80 -5.69 -25.93
CA PHE A 500 -3.03 -6.45 -25.73
C PHE A 500 -4.26 -5.63 -26.11
N GLY A 501 -4.35 -4.40 -25.61
CA GLY A 501 -5.50 -3.56 -25.90
C GLY A 501 -5.67 -3.30 -27.39
N PHE A 502 -4.58 -2.89 -28.05
CA PHE A 502 -4.61 -2.71 -29.50
C PHE A 502 -5.01 -4.00 -30.20
N ALA A 503 -4.41 -5.12 -29.79
CA ALA A 503 -4.68 -6.40 -30.41
C ALA A 503 -6.13 -6.84 -30.18
N ALA A 504 -6.57 -6.84 -28.92
CA ALA A 504 -7.93 -7.29 -28.62
C ALA A 504 -8.96 -6.46 -29.38
N VAL A 505 -8.81 -5.13 -29.33
CA VAL A 505 -9.77 -4.24 -29.99
C VAL A 505 -9.76 -4.44 -31.49
N LEU A 506 -8.59 -4.78 -32.06
CA LEU A 506 -8.54 -4.92 -33.51
C LEU A 506 -9.49 -6.00 -34.00
N MET A 507 -9.55 -7.13 -33.31
CA MET A 507 -10.48 -8.18 -33.74
C MET A 507 -11.93 -7.75 -33.55
N SER A 508 -12.33 -7.42 -32.31
CA SER A 508 -13.71 -7.08 -32.00
C SER A 508 -13.92 -5.57 -32.12
N LEU A 509 -13.94 -5.12 -33.38
CA LEU A 509 -14.20 -3.74 -33.83
C LEU A 509 -13.91 -3.74 -35.33
C18 OLC B . -16.02 10.34 -3.96
C10 OLC B . -13.51 8.30 2.89
C9 OLC B . -12.50 8.50 3.74
C17 OLC B . -16.97 9.38 -3.25
C11 OLC B . -14.94 8.08 3.39
C8 OLC B . -12.70 8.51 5.24
C24 OLC B . -2.70 13.89 10.69
C16 OLC B . -16.32 8.78 -2.01
C12 OLC B . -15.96 8.78 2.49
C7 OLC B . -11.61 9.32 5.93
C15 OLC B . -17.37 8.13 -1.10
C13 OLC B . -16.02 8.16 1.08
C6 OLC B . -10.50 8.44 6.53
C14 OLC B . -17.28 8.62 0.35
C5 OLC B . -9.75 9.20 7.63
C4 OLC B . -8.61 8.38 8.20
C3 OLC B . -7.70 9.24 9.07
C2 OLC B . -6.32 9.45 8.45
C21 OLC B . -3.53 12.01 9.28
C1 OLC B . -5.69 10.68 9.05
C22 OLC B . -3.71 12.74 10.60
O19 OLC B . -6.40 11.63 9.37
O25 OLC B . -1.63 13.57 11.58
O23 OLC B . -5.05 13.26 10.65
O20 OLC B . -4.24 10.76 9.27
C1 LNK C . -10.12 14.48 -4.30
C2 LNK C . -9.97 15.83 -5.00
C3 LNK C . -8.68 15.86 -5.82
C4 LNK C . -8.85 16.56 -7.18
C5 LNK C . -8.79 15.55 -8.31
C1 PLM D . -14.76 -8.59 7.53
O1 PLM D . -13.84 -8.34 8.41
O2 PLM D . -15.52 -7.79 6.90
C2 PLM D . -14.93 -10.09 7.24
C3 PLM D . -15.35 -10.38 5.84
C4 PLM D . -14.21 -10.91 4.95
C5 PLM D . -14.67 -11.96 3.98
C6 PLM D . -14.71 -13.34 4.60
C7 PLM D . -15.64 -14.33 3.88
C8 PLM D . -15.92 -14.03 2.41
C9 PLM D . -17.07 -14.89 1.85
CA PLM D . -16.68 -16.22 1.18
CB PLM D . -17.92 -16.97 0.62
CC PLM D . -17.62 -18.16 -0.32
CD PLM D . -17.22 -17.74 -1.78
CE PLM D . -17.47 -18.83 -2.87
CF PLM D . -18.76 -18.60 -3.68
CG PLM D . -19.40 -19.88 -4.25
C1 PLM E . 18.05 -16.62 -3.52
O1 PLM E . 19.02 -17.36 -3.94
O2 PLM E . 18.09 -15.57 -2.80
C2 PLM E . 16.62 -17.12 -3.95
C3 PLM E . 16.32 -18.58 -3.62
C4 PLM E . 16.56 -19.52 -4.81
C5 PLM E . 16.00 -20.93 -4.63
C6 PLM E . 16.53 -21.93 -5.67
C7 PLM E . 15.81 -23.29 -5.63
C8 PLM E . 15.90 -24.09 -6.94
C9 PLM E . 15.14 -25.43 -6.86
CA PLM E . 15.90 -26.60 -7.49
CB PLM E . 15.70 -27.95 -6.75
CC PLM E . 14.25 -28.19 -6.26
CD PLM E . 13.88 -29.68 -6.02
CE PLM E . 13.68 -30.49 -7.34
CF PLM E . 13.08 -31.92 -7.17
CG PLM E . 12.23 -32.41 -8.38
C1 PLM F . -6.76 -21.19 -25.85
O1 PLM F . -6.71 -22.39 -26.25
O2 PLM F . -7.76 -20.50 -25.48
C2 PLM F . -5.38 -20.44 -25.82
C3 PLM F . -5.27 -19.22 -24.91
C4 PLM F . -4.27 -18.16 -25.44
C5 PLM F . -3.75 -17.20 -24.38
C6 PLM F . -2.36 -16.64 -24.68
C7 PLM F . -1.86 -15.60 -23.67
C8 PLM F . -1.02 -14.45 -24.30
C9 PLM F . 0.52 -14.53 -24.02
CA PLM F . 1.36 -13.59 -24.92
CB PLM F . 2.36 -12.70 -24.16
CC PLM F . 2.79 -13.27 -22.79
CD PLM F . 2.17 -12.53 -21.59
CE PLM F . 2.25 -13.29 -20.24
CF PLM F . 1.48 -12.59 -19.11
CG PLM F . 2.14 -11.31 -18.57
C1 PLM G . -21.55 -19.16 -22.79
O1 PLM G . -21.49 -20.44 -22.86
O2 PLM G . -21.21 -18.29 -23.67
C2 PLM G . -22.11 -18.53 -21.45
C3 PLM G . -23.53 -18.99 -20.99
C4 PLM G . -23.74 -18.78 -19.49
C5 PLM G . -22.40 -18.84 -18.75
C6 PLM G . -22.32 -18.05 -17.49
C7 PLM G . -21.48 -18.74 -16.44
C8 PLM G . -22.17 -18.86 -15.07
C9 PLM G . -21.19 -18.89 -13.92
CA PLM G . -21.74 -19.54 -12.67
CB PLM G . -20.67 -19.74 -11.60
CC PLM G . -21.21 -20.04 -10.20
CD PLM G . -21.04 -21.51 -9.81
CE PLM G . -21.26 -21.77 -8.31
CF PLM G . -22.74 -21.81 -7.92
CG PLM G . -23.06 -22.94 -6.93
C1 PLM H . -4.80 6.37 6.49
O1 PLM H . -4.20 5.35 6.05
O2 PLM H . -4.30 7.42 6.98
C2 PLM H . -6.35 6.35 6.44
C3 PLM H . -6.98 5.31 5.53
C4 PLM H . -8.50 5.49 5.33
C5 PLM H . -9.02 5.13 3.92
C6 PLM H . -9.09 6.32 2.96
C7 PLM H . -10.32 6.32 2.03
C8 PLM H . -10.02 6.78 0.62
C9 PLM H . -11.22 7.42 -0.09
CA PLM H . -11.43 6.94 -1.55
CB PLM H . -11.29 8.04 -2.60
CC PLM H . -12.59 8.79 -2.85
CD PLM H . -12.62 10.20 -2.22
CE PLM H . -12.18 11.34 -3.19
CL CL I . -1.87 10.60 14.01
#